data_6FAG
#
_entry.id   6FAG
#
_cell.length_a   62.604
_cell.length_b   70.819
_cell.length_c   120.579
_cell.angle_alpha   90.00
_cell.angle_beta   90.00
_cell.angle_gamma   90.00
#
_symmetry.space_group_name_H-M   'P 21 21 21'
#
loop_
_entity.id
_entity.type
_entity.pdbx_description
1 polymer 'Carbonic anhydrase 1'
2 non-polymer 'ZINC ION'
3 non-polymer GLYCEROL
4 non-polymer 1-(2-methoxyphenyl)-3-(2-oxidanyl-5-sulfamoyl-phenyl)urea
5 water water
#
_entity_poly.entity_id   1
_entity_poly.type   'polypeptide(L)'
_entity_poly.pdbx_seq_one_letter_code
;MASPDWGYDDKNGPEQWSKLYPIANGNNQSPVDIKTSETKHDTSLKPISVSYNPATAKEIINVGHSFHVNFEDNDNRSVL
KGGPFSDSYRLFQFHFHWGSTNEHGSEHTVDGVKYSAELHVAHWNSAKYSSLAEAASKADGLAVIGVLMKVGEANPKLQK
VLDALQAIKTKGKRAPFTNFDPSTLLPSSLDFWTYPGSLTHPPLYESVTWIICKESISVSSEQLAQFRSLLSNVEGDNAV
PMQHNNRPTQPLKGRTVRASF
;
_entity_poly.pdbx_strand_id   A,B
#
loop_
_chem_comp.id
_chem_comp.type
_chem_comp.name
_chem_comp.formula
EON non-polymer 1-(2-methoxyphenyl)-3-(2-oxidanyl-5-sulfamoyl-phenyl)urea 'C14 H15 N3 O5 S'
GOL non-polymer GLYCEROL 'C3 H8 O3'
ZN non-polymer 'ZINC ION' 'Zn 2'
#
# COMPACT_ATOMS: atom_id res chain seq x y z
N ASP A 5 19.32 22.64 21.38
CA ASP A 5 19.39 21.46 22.29
C ASP A 5 18.18 20.52 22.12
N TRP A 6 18.44 19.23 21.96
CA TRP A 6 17.40 18.21 21.73
C TRP A 6 17.47 17.04 22.72
N GLY A 7 16.35 16.35 22.89
CA GLY A 7 16.30 15.13 23.71
C GLY A 7 15.10 14.25 23.41
N TYR A 8 14.71 13.48 24.42
CA TYR A 8 13.54 12.59 24.32
C TYR A 8 12.45 12.91 25.35
N ASP A 9 12.57 14.05 26.03
CA ASP A 9 11.54 14.46 27.00
C ASP A 9 10.50 15.37 26.34
N ASP A 10 9.73 16.08 27.17
CA ASP A 10 8.58 16.87 26.73
C ASP A 10 8.95 18.04 25.86
N LYS A 11 9.75 18.95 26.43
CA LYS A 11 10.17 20.18 25.77
C LYS A 11 11.01 19.93 24.52
N ASN A 12 11.99 19.02 24.60
CA ASN A 12 12.99 18.84 23.53
C ASN A 12 12.88 17.55 22.68
N GLY A 13 11.70 16.92 22.68
CA GLY A 13 11.50 15.58 22.11
C GLY A 13 11.23 15.45 20.61
N PRO A 14 10.98 14.19 20.13
CA PRO A 14 10.71 13.93 18.72
C PRO A 14 9.71 14.85 18.00
N GLU A 15 8.67 15.31 18.72
CA GLU A 15 7.68 16.22 18.14
C GLU A 15 8.14 17.68 18.10
N GLN A 16 9.18 18.00 18.87
CA GLN A 16 9.77 19.34 18.87
C GLN A 16 10.92 19.45 17.87
N TRP A 17 11.52 18.31 17.48
CA TRP A 17 12.74 18.29 16.65
C TRP A 17 12.68 19.11 15.37
N SER A 18 11.51 19.13 14.71
CA SER A 18 11.33 19.90 13.46
C SER A 18 11.63 21.41 13.58
N LYS A 19 11.49 21.96 14.80
CA LYS A 19 11.68 23.39 15.05
C LYS A 19 13.12 23.85 14.82
N LEU A 20 14.08 23.02 15.21
CA LEU A 20 15.50 23.25 14.92
C LEU A 20 16.00 22.45 13.71
N TYR A 21 15.33 21.33 13.39
CA TYR A 21 15.75 20.46 12.28
C TYR A 21 14.58 20.13 11.34
N PRO A 22 14.31 21.01 10.35
CA PRO A 22 13.17 20.89 9.43
C PRO A 22 13.12 19.58 8.63
N ILE A 23 14.29 18.98 8.41
CA ILE A 23 14.40 17.67 7.76
C ILE A 23 13.66 16.51 8.50
N ALA A 24 13.25 16.75 9.74
CA ALA A 24 12.41 15.81 10.52
C ALA A 24 11.09 15.49 9.82
N ASN A 25 10.52 16.48 9.15
CA ASN A 25 9.33 16.29 8.31
C ASN A 25 9.71 16.00 6.85
N GLY A 26 10.89 15.39 6.63
CA GLY A 26 11.36 15.01 5.30
C GLY A 26 10.75 13.75 4.68
N ASN A 27 11.21 13.42 3.48
CA ASN A 27 10.71 12.27 2.73
C ASN A 27 11.41 10.94 2.99
N ASN A 28 12.60 11.00 3.60
CA ASN A 28 13.38 9.80 3.88
C ASN A 28 13.75 9.69 5.36
N GLN A 29 12.76 9.93 6.22
CA GLN A 29 12.91 9.81 7.67
C GLN A 29 12.78 8.40 8.21
N SER A 30 13.63 8.09 9.19
CA SER A 30 13.63 6.83 9.90
C SER A 30 13.27 7.07 11.36
N PRO A 31 12.76 6.05 12.08
CA PRO A 31 12.46 4.70 11.65
C PRO A 31 11.09 4.62 10.97
N VAL A 32 10.81 3.48 10.39
CA VAL A 32 9.51 3.22 9.76
C VAL A 32 8.85 1.93 10.29
N ASP A 33 7.55 1.80 10.00
CA ASP A 33 6.85 0.54 10.14
C ASP A 33 7.05 -0.27 8.88
N ILE A 34 7.64 -1.46 9.05
CA ILE A 34 7.81 -2.38 7.93
C ILE A 34 6.57 -3.26 7.85
N LYS A 35 5.77 -3.02 6.82
CA LYS A 35 4.59 -3.84 6.51
C LYS A 35 5.01 -4.97 5.55
N THR A 36 4.95 -6.21 6.03
CA THR A 36 5.45 -7.36 5.26
C THR A 36 4.67 -7.64 3.98
N SER A 37 3.37 -7.30 3.99
CA SER A 37 2.51 -7.45 2.81
C SER A 37 2.89 -6.43 1.72
N GLU A 38 3.52 -5.33 2.12
CA GLU A 38 3.88 -4.26 1.19
C GLU A 38 5.36 -4.24 0.73
N THR A 39 6.20 -5.09 1.31
CA THR A 39 7.61 -5.19 0.92
C THR A 39 7.77 -5.83 -0.47
N LYS A 40 8.77 -5.39 -1.23
CA LYS A 40 9.03 -5.95 -2.55
C LYS A 40 10.29 -6.78 -2.51
N HIS A 41 10.14 -8.10 -2.72
CA HIS A 41 11.30 -8.98 -2.78
C HIS A 41 12.18 -8.53 -3.95
N ASP A 42 13.47 -8.42 -3.67
CA ASP A 42 14.45 -7.99 -4.64
C ASP A 42 15.51 -9.08 -4.75
N THR A 43 15.62 -9.59 -5.96
CA THR A 43 16.51 -10.70 -6.28
C THR A 43 17.98 -10.28 -6.51
N SER A 44 18.21 -8.98 -6.68
CA SER A 44 19.58 -8.43 -6.83
C SER A 44 20.34 -8.26 -5.49
N LEU A 45 19.60 -8.19 -4.38
CA LEU A 45 20.18 -8.09 -3.03
C LEU A 45 21.09 -9.28 -2.71
N LYS A 46 22.39 -9.00 -2.59
CA LYS A 46 23.37 -9.99 -2.19
C LYS A 46 23.27 -10.23 -0.65
N PRO A 47 23.80 -11.37 -0.15
CA PRO A 47 23.94 -11.54 1.29
C PRO A 47 24.75 -10.41 1.95
N ILE A 48 24.43 -10.17 3.22
CA ILE A 48 25.19 -9.27 4.08
C ILE A 48 26.47 -9.95 4.50
N SER A 49 27.58 -9.28 4.22
CA SER A 49 28.87 -9.75 4.66
C SER A 49 29.46 -8.77 5.67
N VAL A 50 29.54 -9.17 6.94
CA VAL A 50 30.27 -8.38 7.93
C VAL A 50 31.57 -9.07 8.30
N SER A 51 32.61 -8.27 8.46
CA SER A 51 33.92 -8.76 8.82
C SER A 51 34.59 -7.72 9.70
N TYR A 52 34.44 -7.90 11.01
CA TYR A 52 34.92 -6.95 12.01
C TYR A 52 36.11 -7.52 12.76
N ASN A 53 37.07 -6.64 13.02
CA ASN A 53 38.29 -7.00 13.77
C ASN A 53 38.09 -6.58 15.24
N PRO A 54 38.17 -7.54 16.21
CA PRO A 54 37.95 -7.17 17.62
C PRO A 54 38.86 -6.03 18.12
N ALA A 55 40.09 -5.93 17.59
CA ALA A 55 41.05 -4.88 17.96
C ALA A 55 40.65 -3.44 17.55
N THR A 56 39.63 -3.27 16.72
CA THR A 56 39.13 -1.94 16.37
C THR A 56 38.22 -1.31 17.44
N ALA A 57 37.72 -2.12 18.38
CA ALA A 57 36.93 -1.60 19.51
C ALA A 57 37.78 -0.60 20.30
N LYS A 58 37.21 0.58 20.58
CA LYS A 58 37.99 1.69 21.14
C LYS A 58 37.51 2.15 22.50
N GLU A 59 36.25 2.57 22.58
CA GLU A 59 35.83 3.40 23.68
C GLU A 59 34.34 3.29 23.80
N ILE A 60 33.86 3.36 25.04
CA ILE A 60 32.44 3.49 25.40
C ILE A 60 32.18 4.86 26.00
N ILE A 61 31.09 5.51 25.61
CA ILE A 61 30.83 6.85 26.09
C ILE A 61 29.36 7.09 26.41
N ASN A 62 29.12 7.77 27.53
CA ASN A 62 27.79 8.20 27.93
C ASN A 62 27.56 9.56 27.27
N VAL A 63 26.66 9.58 26.26
CA VAL A 63 26.38 10.78 25.45
C VAL A 63 25.10 11.51 25.89
N GLY A 64 24.63 11.23 27.09
CA GLY A 64 23.51 11.97 27.68
C GLY A 64 22.16 11.36 27.35
N HIS A 65 21.87 11.18 26.06
CA HIS A 65 20.60 10.55 25.62
C HIS A 65 20.72 9.02 25.47
N SER A 66 21.98 8.55 25.45
CA SER A 66 22.32 7.17 25.12
C SER A 66 23.78 6.90 25.51
N PHE A 67 24.28 5.75 25.08
CA PHE A 67 25.71 5.43 25.15
C PHE A 67 26.16 4.89 23.82
N HIS A 68 27.44 5.10 23.47
CA HIS A 68 28.00 4.63 22.21
C HIS A 68 29.24 3.80 22.47
N VAL A 69 29.42 2.78 21.65
CA VAL A 69 30.67 2.02 21.62
C VAL A 69 31.27 2.37 20.29
N ASN A 70 32.39 3.11 20.32
CA ASN A 70 33.00 3.62 19.12
C ASN A 70 34.17 2.74 18.75
N PHE A 71 34.45 2.70 17.45
CA PHE A 71 35.52 1.87 16.91
C PHE A 71 36.52 2.77 16.19
N GLU A 72 37.78 2.36 16.18
CA GLU A 72 38.79 2.94 15.33
C GLU A 72 38.38 2.73 13.89
N ASP A 73 38.26 3.83 13.14
CA ASP A 73 37.82 3.81 11.75
C ASP A 73 38.83 4.46 10.78
N ASN A 74 40.12 4.19 11.00
CA ASN A 74 41.17 4.74 10.15
C ASN A 74 41.52 3.84 8.95
N ASP A 75 41.12 2.58 9.01
CA ASP A 75 41.35 1.64 7.91
C ASP A 75 40.22 0.62 7.80
N ASN A 76 40.40 -0.36 6.91
CA ASN A 76 39.34 -1.29 6.55
C ASN A 76 39.44 -2.63 7.28
N ARG A 77 39.93 -2.60 8.52
CA ARG A 77 39.95 -3.79 9.37
C ARG A 77 38.55 -4.33 9.71
N SER A 78 37.57 -3.43 9.88
CA SER A 78 36.19 -3.76 10.21
C SER A 78 35.24 -3.18 9.17
N VAL A 79 34.63 -4.06 8.39
CA VAL A 79 33.85 -3.65 7.20
C VAL A 79 32.52 -4.41 7.01
N LEU A 80 31.54 -3.70 6.46
CA LEU A 80 30.30 -4.27 5.90
C LEU A 80 30.35 -4.25 4.35
N LYS A 81 29.92 -5.37 3.75
CA LYS A 81 29.87 -5.60 2.30
C LYS A 81 28.57 -6.37 1.96
N GLY A 82 28.25 -6.46 0.66
CA GLY A 82 27.09 -7.19 0.17
C GLY A 82 25.81 -6.39 0.36
N GLY A 83 24.70 -7.10 0.56
CA GLY A 83 23.38 -6.44 0.63
C GLY A 83 23.07 -5.66 -0.63
N PRO A 84 22.57 -4.41 -0.48
CA PRO A 84 22.33 -3.50 -1.60
C PRO A 84 23.54 -2.66 -2.00
N PHE A 85 24.73 -3.01 -1.51
CA PHE A 85 25.93 -2.17 -1.67
C PHE A 85 26.93 -2.71 -2.66
N SER A 86 27.54 -1.79 -3.42
CA SER A 86 28.74 -2.05 -4.22
C SER A 86 29.97 -1.58 -3.44
N ASP A 87 29.78 -0.50 -2.68
CA ASP A 87 30.82 0.08 -1.86
C ASP A 87 31.01 -0.70 -0.56
N SER A 88 32.26 -0.80 -0.11
CA SER A 88 32.57 -1.35 1.20
C SER A 88 32.38 -0.25 2.25
N TYR A 89 31.71 -0.59 3.36
CA TYR A 89 31.48 0.38 4.44
C TYR A 89 32.24 0.03 5.69
N ARG A 90 32.79 1.06 6.32
CA ARG A 90 33.63 0.91 7.48
C ARG A 90 32.84 1.08 8.78
N LEU A 91 32.98 0.10 9.68
CA LEU A 91 32.38 0.20 11.02
C LEU A 91 32.95 1.35 11.85
N PHE A 92 32.06 2.15 12.43
CA PHE A 92 32.52 3.13 13.41
C PHE A 92 31.88 3.06 14.81
N GLN A 93 30.72 2.40 14.93
CA GLN A 93 29.97 2.49 16.18
C GLN A 93 28.86 1.47 16.30
N PHE A 94 28.53 1.09 17.54
CA PHE A 94 27.22 0.55 17.82
C PHE A 94 26.59 1.16 19.07
N HIS A 95 25.28 1.11 19.14
CA HIS A 95 24.51 1.62 20.30
C HIS A 95 23.11 0.97 20.31
N PHE A 96 22.31 1.34 21.30
CA PHE A 96 20.99 0.75 21.45
C PHE A 96 20.01 1.86 21.61
N HIS A 97 18.74 1.53 21.39
CA HIS A 97 17.61 2.37 21.77
C HIS A 97 16.71 1.50 22.63
N TRP A 98 16.04 2.10 23.61
CA TRP A 98 15.10 1.38 24.42
C TRP A 98 13.96 2.31 24.80
N GLY A 99 12.97 1.77 25.52
CA GLY A 99 11.76 2.53 25.90
C GLY A 99 11.50 2.55 27.40
N SER A 100 10.47 3.30 27.82
CA SER A 100 10.08 3.45 29.23
C SER A 100 9.67 2.12 29.85
N THR A 101 9.01 1.28 29.06
CA THR A 101 8.49 -0.03 29.50
C THR A 101 8.99 -1.12 28.53
N ASN A 102 8.89 -2.39 28.93
CA ASN A 102 9.12 -3.51 28.01
C ASN A 102 8.24 -3.48 26.73
N GLU A 103 7.04 -2.90 26.82
CA GLU A 103 6.03 -2.88 25.74
C GLU A 103 6.48 -2.17 24.46
N HIS A 104 7.44 -1.27 24.59
CA HIS A 104 8.00 -0.56 23.44
C HIS A 104 9.50 -0.35 23.66
N GLY A 105 10.13 0.43 22.79
CA GLY A 105 11.57 0.65 22.91
C GLY A 105 12.36 0.49 21.65
N SER A 106 11.88 -0.34 20.73
CA SER A 106 12.52 -0.42 19.40
C SER A 106 12.16 0.83 18.61
N GLU A 107 12.92 1.08 17.56
CA GLU A 107 12.64 2.23 16.72
C GLU A 107 11.81 1.78 15.55
N HIS A 108 12.34 0.82 14.80
CA HIS A 108 11.58 0.20 13.73
C HIS A 108 10.48 -0.70 14.36
N THR A 109 9.36 -0.84 13.65
CA THR A 109 8.28 -1.77 14.01
C THR A 109 8.03 -2.66 12.78
N VAL A 110 7.55 -3.88 13.01
CA VAL A 110 7.25 -4.81 11.93
C VAL A 110 5.79 -5.21 12.02
N ASP A 111 5.00 -4.74 11.05
CA ASP A 111 3.55 -4.92 10.99
C ASP A 111 2.87 -4.37 12.24
N GLY A 112 3.31 -3.19 12.70
CA GLY A 112 2.75 -2.57 13.90
C GLY A 112 3.30 -3.07 15.25
N VAL A 113 4.10 -4.13 15.21
CA VAL A 113 4.62 -4.75 16.42
C VAL A 113 5.87 -4.00 16.93
N LYS A 114 5.80 -3.56 18.18
CA LYS A 114 6.88 -2.81 18.86
C LYS A 114 7.72 -3.81 19.65
N TYR A 115 9.04 -3.75 19.47
CA TYR A 115 9.92 -4.58 20.27
C TYR A 115 10.46 -3.81 21.47
N SER A 116 11.27 -4.44 22.31
CA SER A 116 11.65 -3.83 23.59
C SER A 116 12.88 -2.95 23.48
N ALA A 117 13.72 -3.28 22.50
CA ALA A 117 14.89 -2.48 22.21
C ALA A 117 15.34 -2.72 20.76
N GLU A 118 16.32 -1.94 20.32
CA GLU A 118 16.92 -2.10 18.99
C GLU A 118 18.44 -1.86 19.04
N LEU A 119 19.20 -2.79 18.48
CA LEU A 119 20.66 -2.63 18.26
C LEU A 119 20.96 -2.01 16.86
N HIS A 120 21.73 -0.93 16.86
CA HIS A 120 22.20 -0.26 15.62
C HIS A 120 23.69 -0.41 15.50
N VAL A 121 24.14 -0.94 14.39
CA VAL A 121 25.58 -1.07 14.07
C VAL A 121 25.79 -0.20 12.82
N ALA A 122 26.52 0.91 13.02
CA ALA A 122 26.67 1.95 12.02
C ALA A 122 28.05 1.92 11.36
N HIS A 123 28.04 2.26 10.08
CA HIS A 123 29.17 2.16 9.18
C HIS A 123 29.12 3.40 8.31
N TRP A 124 30.27 3.79 7.77
CA TRP A 124 30.34 4.88 6.78
C TRP A 124 31.07 4.49 5.51
N ASN A 125 30.67 5.12 4.41
CA ASN A 125 31.16 4.81 3.06
C ASN A 125 32.60 5.30 2.80
N SER A 126 33.58 4.44 3.08
CA SER A 126 34.99 4.79 2.90
C SER A 126 35.54 4.56 1.49
N ALA A 127 34.76 3.91 0.62
CA ALA A 127 35.13 3.78 -0.79
C ALA A 127 34.95 5.12 -1.49
N LYS A 128 33.87 5.82 -1.14
CA LYS A 128 33.52 7.09 -1.72
C LYS A 128 34.07 8.31 -0.96
N TYR A 129 34.09 8.24 0.38
CA TYR A 129 34.41 9.40 1.21
C TYR A 129 35.63 9.17 2.06
N SER A 130 36.20 10.26 2.56
CA SER A 130 37.48 10.22 3.28
C SER A 130 37.30 10.19 4.77
N SER A 131 36.12 10.58 5.26
CA SER A 131 35.85 10.63 6.69
C SER A 131 34.36 10.46 7.00
N LEU A 132 34.08 10.06 8.24
CA LEU A 132 32.72 10.06 8.78
C LEU A 132 32.03 11.41 8.63
N ALA A 133 32.74 12.50 8.97
CA ALA A 133 32.14 13.85 8.92
C ALA A 133 31.70 14.20 7.51
N GLU A 134 32.52 13.84 6.51
CA GLU A 134 32.13 13.98 5.10
C GLU A 134 30.95 13.05 4.74
N ALA A 135 31.06 11.78 5.11
CA ALA A 135 30.04 10.78 4.76
C ALA A 135 28.67 11.06 5.39
N ALA A 136 28.66 11.67 6.57
CA ALA A 136 27.51 11.69 7.48
C ALA A 136 26.26 12.31 6.86
N SER A 137 26.46 13.19 5.88
CA SER A 137 25.35 13.95 5.31
C SER A 137 25.04 13.58 3.85
N LYS A 138 25.74 12.57 3.34
CA LYS A 138 25.61 12.14 1.93
C LYS A 138 24.60 10.99 1.78
N ALA A 139 23.74 11.11 0.78
CA ALA A 139 22.73 10.09 0.45
C ALA A 139 23.19 8.64 0.61
N ASP A 140 24.41 8.35 0.17
CA ASP A 140 25.02 7.01 0.27
C ASP A 140 26.18 6.95 1.28
N GLY A 141 26.15 7.86 2.24
CA GLY A 141 27.23 7.96 3.21
C GLY A 141 27.22 6.90 4.32
N LEU A 142 26.02 6.54 4.79
CA LEU A 142 25.86 5.66 5.96
C LEU A 142 25.08 4.39 5.71
N ALA A 143 25.57 3.30 6.33
CA ALA A 143 24.88 2.01 6.44
C ALA A 143 24.78 1.56 7.90
N VAL A 144 23.53 1.30 8.31
CA VAL A 144 23.22 0.90 9.69
C VAL A 144 22.41 -0.44 9.72
N ILE A 145 22.97 -1.45 10.38
CA ILE A 145 22.27 -2.69 10.62
C ILE A 145 21.40 -2.44 11.84
N GLY A 146 20.09 -2.63 11.70
CA GLY A 146 19.17 -2.56 12.84
C GLY A 146 18.70 -3.95 13.23
N VAL A 147 18.82 -4.29 14.51
CA VAL A 147 18.39 -5.59 15.03
C VAL A 147 17.35 -5.38 16.14
N LEU A 148 16.14 -5.89 15.90
CA LEU A 148 15.08 -5.91 16.90
C LEU A 148 15.40 -6.83 18.08
N MET A 149 15.17 -6.31 19.27
CA MET A 149 15.48 -7.00 20.50
C MET A 149 14.18 -7.37 21.21
N LYS A 150 13.97 -8.67 21.34
CA LYS A 150 12.75 -9.17 21.94
CA LYS A 150 12.74 -9.20 21.94
C LYS A 150 12.99 -9.57 23.40
N VAL A 151 12.21 -8.96 24.29
CA VAL A 151 12.27 -9.32 25.72
C VAL A 151 12.04 -10.83 25.96
N GLY A 152 12.96 -11.46 26.69
CA GLY A 152 12.81 -12.84 27.12
C GLY A 152 14.01 -13.25 27.94
N GLU A 153 14.71 -14.26 27.44
CA GLU A 153 15.93 -14.77 28.05
C GLU A 153 17.05 -13.74 28.01
N ALA A 154 17.82 -13.69 29.09
CA ALA A 154 19.07 -12.94 29.19
C ALA A 154 19.97 -13.35 28.04
N ASN A 155 20.58 -12.34 27.40
CA ASN A 155 21.45 -12.50 26.26
C ASN A 155 22.93 -12.46 26.75
N PRO A 156 23.60 -13.62 26.87
CA PRO A 156 24.97 -13.55 27.38
C PRO A 156 25.91 -12.65 26.57
N LYS A 157 25.70 -12.54 25.26
CA LYS A 157 26.56 -11.72 24.39
C LYS A 157 26.50 -10.22 24.70
N LEU A 158 25.43 -9.78 25.36
CA LEU A 158 25.32 -8.39 25.83
C LEU A 158 26.20 -8.05 27.03
N GLN A 159 26.84 -9.07 27.62
CA GLN A 159 27.45 -9.00 28.96
C GLN A 159 28.55 -7.97 29.06
N LYS A 160 29.58 -8.07 28.22
CA LYS A 160 30.70 -7.13 28.24
C LYS A 160 30.23 -5.70 28.12
N VAL A 161 29.20 -5.46 27.29
CA VAL A 161 28.65 -4.12 27.09
C VAL A 161 28.00 -3.67 28.39
N LEU A 162 27.12 -4.51 28.93
CA LEU A 162 26.46 -4.24 30.23
C LEU A 162 27.41 -4.02 31.37
N ASP A 163 28.46 -4.85 31.46
CA ASP A 163 29.46 -4.73 32.52
C ASP A 163 30.31 -3.47 32.46
N ALA A 164 30.36 -2.81 31.29
CA ALA A 164 31.16 -1.59 31.11
C ALA A 164 30.40 -0.35 31.53
N LEU A 165 29.08 -0.45 31.61
CA LEU A 165 28.24 0.71 31.93
C LEU A 165 28.44 1.35 33.31
N GLN A 166 28.88 0.55 34.29
CA GLN A 166 29.19 1.05 35.63
C GLN A 166 30.33 2.08 35.62
N ALA A 167 31.21 2.02 34.62
CA ALA A 167 32.31 2.99 34.51
C ALA A 167 31.92 4.28 33.78
N ILE A 168 30.70 4.34 33.24
CA ILE A 168 30.24 5.52 32.48
C ILE A 168 28.81 5.90 32.86
N LYS A 169 28.53 5.89 34.16
CA LYS A 169 27.17 6.03 34.69
CA LYS A 169 27.17 6.03 34.69
C LYS A 169 26.54 7.39 34.42
N THR A 170 27.36 8.43 34.34
CA THR A 170 26.90 9.82 34.18
C THR A 170 27.36 10.44 32.86
N LYS A 171 26.62 11.47 32.41
CA LYS A 171 26.89 12.15 31.15
C LYS A 171 28.35 12.60 30.95
N GLY A 172 28.89 12.27 29.78
CA GLY A 172 30.22 12.74 29.39
C GLY A 172 31.30 11.78 29.80
N LYS A 173 30.99 10.85 30.72
CA LYS A 173 31.97 9.86 31.17
C LYS A 173 32.30 8.90 30.02
N ARG A 174 33.56 8.50 29.94
CA ARG A 174 33.99 7.62 28.89
C ARG A 174 35.10 6.72 29.40
N ALA A 175 35.26 5.59 28.75
CA ALA A 175 36.22 4.59 29.18
C ALA A 175 36.67 3.79 27.99
N PRO A 176 37.89 3.20 28.07
CA PRO A 176 38.30 2.28 27.00
C PRO A 176 37.39 1.05 26.94
N PHE A 177 37.15 0.56 25.74
CA PHE A 177 36.31 -0.61 25.51
C PHE A 177 36.93 -1.31 24.34
N THR A 178 37.71 -2.35 24.61
CA THR A 178 38.57 -2.92 23.61
C THR A 178 38.27 -4.42 23.40
N ASN A 179 38.78 -4.95 22.28
CA ASN A 179 38.81 -6.39 22.00
C ASN A 179 37.39 -6.99 21.97
N PHE A 180 36.52 -6.39 21.16
CA PHE A 180 35.13 -6.79 21.03
C PHE A 180 34.68 -6.73 19.58
N ASP A 181 34.11 -7.85 19.12
CA ASP A 181 33.62 -8.03 17.77
C ASP A 181 32.08 -7.96 17.85
N PRO A 182 31.50 -6.86 17.36
CA PRO A 182 30.04 -6.66 17.52
C PRO A 182 29.19 -7.55 16.60
N SER A 183 29.80 -8.25 15.64
CA SER A 183 29.05 -9.30 14.90
C SER A 183 28.56 -10.48 15.79
N THR A 184 29.13 -10.60 16.99
CA THR A 184 28.65 -11.55 18.02
C THR A 184 27.26 -11.22 18.58
N LEU A 185 26.83 -9.98 18.42
CA LEU A 185 25.48 -9.54 18.81
C LEU A 185 24.42 -9.75 17.74
N LEU A 186 24.86 -10.03 16.51
CA LEU A 186 23.96 -10.15 15.35
C LEU A 186 23.18 -11.48 15.34
N PRO A 187 21.94 -11.49 14.81
CA PRO A 187 21.19 -12.77 14.77
C PRO A 187 21.87 -13.81 13.84
N SER A 188 21.58 -15.09 14.02
CA SER A 188 22.28 -16.13 13.21
C SER A 188 21.90 -16.13 11.72
N SER A 189 20.67 -15.70 11.40
CA SER A 189 20.22 -15.44 10.04
C SER A 189 20.37 -13.96 9.75
N LEU A 190 20.99 -13.64 8.61
CA LEU A 190 21.13 -12.25 8.20
C LEU A 190 20.13 -11.80 7.10
N ASP A 191 18.99 -12.52 7.00
CA ASP A 191 17.89 -12.13 6.10
C ASP A 191 17.44 -10.76 6.53
N PHE A 192 17.15 -9.89 5.56
CA PHE A 192 16.94 -8.49 5.87
C PHE A 192 15.94 -7.72 5.00
N TRP A 193 15.40 -6.65 5.58
CA TRP A 193 14.77 -5.58 4.83
C TRP A 193 15.77 -4.42 4.61
N THR A 194 15.64 -3.75 3.47
CA THR A 194 16.41 -2.53 3.24
C THR A 194 15.54 -1.41 2.70
N TYR A 195 15.85 -0.19 3.10
CA TYR A 195 15.18 1.00 2.57
C TYR A 195 16.08 2.23 2.78
N PRO A 196 15.87 3.29 1.95
CA PRO A 196 16.62 4.54 2.16
C PRO A 196 16.01 5.38 3.24
N GLY A 197 16.82 5.77 4.23
CA GLY A 197 16.29 6.50 5.36
C GLY A 197 17.26 7.50 5.96
N SER A 198 17.09 7.71 7.27
CA SER A 198 17.80 8.77 7.99
C SER A 198 18.42 8.30 9.31
N LEU A 199 19.24 9.18 9.88
CA LEU A 199 19.60 9.09 11.29
C LEU A 199 18.31 9.30 12.04
N THR A 200 18.12 8.53 13.10
CA THR A 200 16.86 8.54 13.83
C THR A 200 16.76 9.60 14.94
N HIS A 201 17.81 10.42 15.08
CA HIS A 201 17.81 11.61 15.95
C HIS A 201 18.61 12.75 15.30
N PRO A 202 18.45 14.01 15.77
CA PRO A 202 19.27 15.10 15.23
C PRO A 202 20.75 14.72 15.10
N PRO A 203 21.38 15.10 13.96
CA PRO A 203 20.85 16.01 12.91
C PRO A 203 19.94 15.41 11.81
N LEU A 204 19.57 14.13 11.93
CA LEU A 204 18.45 13.55 11.14
C LEU A 204 18.70 13.50 9.63
N TYR A 205 19.98 13.58 9.25
CA TYR A 205 20.43 13.50 7.88
C TYR A 205 19.85 12.29 7.18
N GLU A 206 19.48 12.48 5.91
CA GLU A 206 18.94 11.40 5.08
C GLU A 206 20.04 10.71 4.31
N SER A 207 20.92 10.05 5.06
CA SER A 207 22.17 9.50 4.57
C SER A 207 22.31 8.02 4.85
N VAL A 208 21.26 7.43 5.42
CA VAL A 208 21.31 6.03 5.86
C VAL A 208 20.56 5.07 4.92
N THR A 209 21.30 4.08 4.43
CA THR A 209 20.76 2.83 3.92
C THR A 209 20.59 1.87 5.11
N TRP A 210 19.34 1.64 5.48
CA TRP A 210 18.98 0.75 6.58
C TRP A 210 18.95 -0.72 6.16
N ILE A 211 19.54 -1.56 7.00
CA ILE A 211 19.50 -3.01 6.88
C ILE A 211 18.82 -3.48 8.17
N ILE A 212 17.56 -3.94 8.09
CA ILE A 212 16.81 -4.38 9.27
C ILE A 212 16.75 -5.90 9.22
N CYS A 213 17.34 -6.56 10.23
CA CYS A 213 17.29 -8.01 10.30
C CYS A 213 15.85 -8.50 10.54
N LYS A 214 15.51 -9.61 9.88
CA LYS A 214 14.24 -10.28 10.04
C LYS A 214 14.18 -10.95 11.43
N GLU A 215 15.30 -11.55 11.82
CA GLU A 215 15.40 -12.33 13.01
C GLU A 215 15.77 -11.40 14.17
N SER A 216 15.12 -11.62 15.31
CA SER A 216 15.38 -10.82 16.50
C SER A 216 16.50 -11.43 17.34
N ILE A 217 16.95 -10.66 18.32
CA ILE A 217 17.83 -11.17 19.38
C ILE A 217 17.11 -10.94 20.70
N SER A 218 17.51 -11.74 21.70
CA SER A 218 16.94 -11.70 23.03
CA SER A 218 16.89 -11.66 23.00
C SER A 218 17.59 -10.63 23.90
N VAL A 219 16.82 -10.17 24.89
CA VAL A 219 17.25 -9.29 25.97
C VAL A 219 16.32 -9.60 27.15
N SER A 220 16.86 -9.71 28.37
CA SER A 220 16.00 -9.90 29.56
C SER A 220 15.47 -8.56 30.07
N SER A 221 14.36 -8.62 30.80
CA SER A 221 13.77 -7.43 31.44
CA SER A 221 13.75 -7.44 31.46
C SER A 221 14.77 -6.71 32.36
N GLU A 222 15.68 -7.48 32.96
CA GLU A 222 16.73 -6.94 33.85
C GLU A 222 17.83 -6.25 33.06
N GLN A 223 18.27 -6.88 31.96
CA GLN A 223 19.23 -6.27 31.03
C GLN A 223 18.73 -4.91 30.53
N LEU A 224 17.45 -4.84 30.18
CA LEU A 224 16.82 -3.57 29.84
C LEU A 224 16.87 -2.54 30.98
N ALA A 225 16.67 -3.01 32.21
CA ALA A 225 16.74 -2.13 33.38
C ALA A 225 18.14 -1.50 33.54
N GLN A 226 19.21 -2.24 33.20
CA GLN A 226 20.57 -1.70 33.19
C GLN A 226 20.74 -0.53 32.24
N PHE A 227 20.22 -0.64 31.01
CA PHE A 227 20.17 0.50 30.06
C PHE A 227 19.50 1.70 30.72
N ARG A 228 18.33 1.48 31.32
CA ARG A 228 17.52 2.58 31.90
C ARG A 228 18.11 3.14 33.21
N SER A 229 19.07 2.39 33.78
CA SER A 229 19.88 2.76 34.97
C SER A 229 21.02 3.76 34.67
N LEU A 230 21.41 3.85 33.40
CA LEU A 230 22.33 4.92 32.96
C LEU A 230 21.71 6.30 33.20
N LEU A 231 22.54 7.24 33.62
CA LEU A 231 22.03 8.57 33.95
C LEU A 231 22.35 9.61 32.87
N SER A 232 21.39 10.50 32.64
CA SER A 232 21.51 11.59 31.67
C SER A 232 22.21 12.85 32.21
N ASN A 233 22.28 12.94 33.54
CA ASN A 233 22.86 14.10 34.24
C ASN A 233 24.36 13.91 34.40
N VAL A 234 25.05 15.01 34.69
CA VAL A 234 26.50 14.99 34.95
C VAL A 234 26.74 14.60 36.41
N GLU A 235 27.91 14.03 36.69
CA GLU A 235 28.26 13.59 38.04
C GLU A 235 28.07 14.70 39.07
N GLY A 236 27.43 14.36 40.20
CA GLY A 236 27.19 15.33 41.27
C GLY A 236 25.83 15.97 41.24
N ASP A 237 25.10 15.83 40.13
CA ASP A 237 23.73 16.35 40.05
C ASP A 237 22.68 15.32 40.47
N ASN A 238 21.43 15.79 40.62
CA ASN A 238 20.26 14.93 40.82
C ASN A 238 20.23 13.85 39.75
N ALA A 239 20.13 12.59 40.18
CA ALA A 239 20.14 11.45 39.26
C ALA A 239 18.87 11.46 38.39
N VAL A 240 19.08 11.49 37.06
CA VAL A 240 17.99 11.45 36.06
C VAL A 240 18.26 10.26 35.10
N PRO A 241 17.55 9.13 35.33
CA PRO A 241 17.67 7.93 34.48
C PRO A 241 17.30 8.19 33.02
N MET A 242 18.05 7.56 32.12
CA MET A 242 17.76 7.51 30.68
C MET A 242 16.65 6.48 30.44
N GLN A 243 15.41 6.87 30.71
CA GLN A 243 14.27 5.99 30.63
C GLN A 243 13.94 5.49 29.22
N HIS A 244 14.00 6.38 28.22
CA HIS A 244 13.75 6.01 26.80
C HIS A 244 14.55 6.87 25.81
N ASN A 245 14.84 6.31 24.64
CA ASN A 245 15.52 7.04 23.57
C ASN A 245 15.12 6.57 22.15
N ASN A 246 13.86 6.13 21.99
CA ASN A 246 13.35 5.67 20.71
CA ASN A 246 13.37 5.69 20.69
C ASN A 246 12.48 6.73 20.01
N ARG A 247 12.68 6.90 18.71
CA ARG A 247 11.85 7.83 17.92
C ARG A 247 10.60 7.10 17.40
N PRO A 248 9.43 7.79 17.39
CA PRO A 248 8.27 7.21 16.71
C PRO A 248 8.53 6.92 15.24
N THR A 249 7.88 5.89 14.70
CA THR A 249 8.01 5.59 13.27
C THR A 249 7.48 6.74 12.41
N GLN A 250 8.06 6.89 11.21
CA GLN A 250 7.77 8.02 10.33
C GLN A 250 7.10 7.58 9.03
N PRO A 251 6.34 8.50 8.36
CA PRO A 251 5.70 8.21 7.06
C PRO A 251 6.69 7.71 6.00
N LEU A 252 6.32 6.65 5.28
CA LEU A 252 7.16 6.08 4.25
C LEU A 252 7.33 7.00 3.03
N LYS A 253 6.29 7.78 2.74
CA LYS A 253 6.30 8.79 1.66
C LYS A 253 6.73 8.27 0.29
N GLY A 254 6.22 7.11 -0.08
CA GLY A 254 6.44 6.56 -1.42
C GLY A 254 7.62 5.62 -1.53
N ARG A 255 8.51 5.64 -0.53
CA ARG A 255 9.63 4.69 -0.47
C ARG A 255 9.11 3.25 -0.41
N THR A 256 9.90 2.32 -0.95
CA THR A 256 9.57 0.92 -0.89
C THR A 256 10.63 0.19 -0.08
N VAL A 257 10.17 -0.70 0.78
CA VAL A 257 11.05 -1.52 1.61
C VAL A 257 11.32 -2.78 0.83
N ARG A 258 12.58 -3.06 0.57
CA ARG A 258 12.94 -4.29 -0.14
C ARG A 258 13.22 -5.40 0.84
N ALA A 259 12.88 -6.63 0.48
CA ALA A 259 13.19 -7.82 1.28
C ALA A 259 14.19 -8.68 0.53
N SER A 260 15.16 -9.24 1.25
CA SER A 260 16.17 -10.13 0.64
C SER A 260 15.77 -11.62 0.66
N PHE A 261 14.53 -11.88 1.05
CA PHE A 261 14.06 -13.21 1.42
C PHE A 261 12.58 -13.34 1.05
N ASP B 5 -22.44 17.73 -8.89
CA ASP B 5 -23.65 17.64 -8.04
C ASP B 5 -24.72 16.74 -8.68
N TRP B 6 -24.46 15.42 -8.62
CA TRP B 6 -25.39 14.38 -9.09
C TRP B 6 -25.27 13.11 -8.23
N GLY B 7 -26.39 12.41 -8.07
CA GLY B 7 -26.42 11.16 -7.31
C GLY B 7 -27.61 10.32 -7.73
N TYR B 8 -28.13 9.51 -6.79
CA TYR B 8 -29.28 8.64 -7.06
C TYR B 8 -30.49 8.89 -6.15
N ASP B 9 -30.35 9.85 -5.22
CA ASP B 9 -31.47 10.31 -4.36
C ASP B 9 -32.54 11.02 -5.19
N ASP B 10 -33.73 11.21 -4.62
CA ASP B 10 -34.82 11.94 -5.28
C ASP B 10 -34.49 13.41 -5.59
N LYS B 11 -33.47 13.96 -4.92
CA LYS B 11 -33.07 15.36 -5.07
C LYS B 11 -31.98 15.61 -6.12
N ASN B 12 -31.16 14.60 -6.40
CA ASN B 12 -30.07 14.70 -7.39
C ASN B 12 -29.95 13.48 -8.32
N GLY B 13 -31.02 12.67 -8.35
CA GLY B 13 -31.05 11.38 -9.05
C GLY B 13 -31.44 11.44 -10.51
N PRO B 14 -31.65 10.26 -11.15
CA PRO B 14 -31.82 10.14 -12.61
C PRO B 14 -32.81 11.12 -13.24
N GLU B 15 -33.84 11.52 -12.49
CA GLU B 15 -34.82 12.49 -12.98
C GLU B 15 -34.28 13.92 -13.13
N GLN B 16 -33.30 14.29 -12.31
CA GLN B 16 -32.72 15.64 -12.29
C GLN B 16 -31.55 15.81 -13.25
N TRP B 17 -31.07 14.70 -13.84
CA TRP B 17 -29.78 14.71 -14.55
C TRP B 17 -29.75 15.64 -15.77
N SER B 18 -30.89 15.73 -16.49
CA SER B 18 -31.01 16.56 -17.71
C SER B 18 -30.65 18.04 -17.54
N LYS B 19 -30.89 18.59 -16.35
CA LYS B 19 -30.58 20.00 -16.04
C LYS B 19 -29.07 20.34 -16.14
N LEU B 20 -28.22 19.51 -15.57
CA LEU B 20 -26.77 19.67 -15.67
C LEU B 20 -26.18 18.93 -16.87
N TYR B 21 -26.84 17.85 -17.27
CA TYR B 21 -26.36 17.00 -18.36
C TYR B 21 -27.56 16.78 -19.32
N PRO B 22 -27.76 17.70 -20.30
CA PRO B 22 -28.92 17.69 -21.21
C PRO B 22 -28.98 16.48 -22.13
N ILE B 23 -27.83 15.82 -22.34
CA ILE B 23 -27.75 14.57 -23.08
C ILE B 23 -28.59 13.43 -22.48
N ALA B 24 -29.01 13.60 -21.22
CA ALA B 24 -29.86 12.62 -20.50
C ALA B 24 -31.18 12.29 -21.19
N ASN B 25 -31.69 13.26 -21.96
CA ASN B 25 -32.88 13.09 -22.81
C ASN B 25 -32.51 12.79 -24.28
N GLY B 26 -31.27 12.35 -24.52
CA GLY B 26 -30.75 12.06 -25.87
C GLY B 26 -31.45 10.90 -26.55
N ASN B 27 -30.97 10.55 -27.74
CA ASN B 27 -31.57 9.45 -28.50
C ASN B 27 -30.82 8.12 -28.37
N ASN B 28 -29.65 8.13 -27.73
CA ASN B 28 -28.86 6.90 -27.55
C ASN B 28 -28.54 6.64 -26.08
N GLN B 29 -29.52 6.89 -25.22
CA GLN B 29 -29.35 6.73 -23.77
C GLN B 29 -29.48 5.29 -23.26
N SER B 30 -28.69 4.96 -22.23
CA SER B 30 -28.67 3.64 -21.62
C SER B 30 -28.95 3.72 -20.14
N PRO B 31 -29.38 2.60 -19.50
CA PRO B 31 -29.69 1.28 -20.04
C PRO B 31 -31.02 1.28 -20.78
N VAL B 32 -31.33 0.16 -21.43
CA VAL B 32 -32.64 -0.08 -22.07
C VAL B 32 -33.25 -1.41 -21.66
N ASP B 33 -34.55 -1.54 -21.91
CA ASP B 33 -35.18 -2.85 -21.83
C ASP B 33 -34.91 -3.60 -23.12
N ILE B 34 -34.40 -4.82 -23.01
CA ILE B 34 -34.30 -5.68 -24.17
C ILE B 34 -35.57 -6.52 -24.33
N LYS B 35 -36.35 -6.21 -25.36
CA LYS B 35 -37.57 -6.94 -25.68
C LYS B 35 -37.17 -7.98 -26.70
N THR B 36 -37.14 -9.24 -26.27
CA THR B 36 -36.58 -10.33 -27.10
C THR B 36 -37.34 -10.56 -28.42
N SER B 37 -38.66 -10.39 -28.38
CA SER B 37 -39.51 -10.49 -29.60
C SER B 37 -39.18 -9.46 -30.70
N GLU B 38 -38.43 -8.41 -30.34
CA GLU B 38 -38.03 -7.38 -31.31
C GLU B 38 -36.51 -7.31 -31.60
N THR B 39 -35.74 -8.20 -31.00
CA THR B 39 -34.32 -8.32 -31.34
C THR B 39 -34.17 -8.92 -32.73
N LYS B 40 -33.15 -8.46 -33.44
CA LYS B 40 -32.85 -8.98 -34.78
C LYS B 40 -31.49 -9.65 -34.80
N HIS B 41 -31.44 -10.87 -35.33
CA HIS B 41 -30.20 -11.60 -35.48
C HIS B 41 -29.38 -11.05 -36.62
N ASP B 42 -28.11 -10.82 -36.32
CA ASP B 42 -27.19 -10.22 -37.26
C ASP B 42 -26.04 -11.18 -37.47
N THR B 43 -25.98 -11.68 -38.69
CA THR B 43 -25.00 -12.67 -39.11
C THR B 43 -23.56 -12.15 -39.14
N SER B 44 -23.39 -10.83 -39.17
CA SER B 44 -22.05 -10.21 -39.17
C SER B 44 -21.43 -10.04 -37.76
N LEU B 45 -22.14 -10.52 -36.73
CA LEU B 45 -21.67 -10.41 -35.34
C LEU B 45 -20.85 -11.62 -35.03
N LYS B 46 -19.55 -11.41 -34.86
CA LYS B 46 -18.64 -12.48 -34.54
C LYS B 46 -18.78 -12.85 -33.04
N PRO B 47 -18.24 -14.01 -32.62
CA PRO B 47 -18.17 -14.21 -31.17
C PRO B 47 -17.27 -13.14 -30.47
N ILE B 48 -17.62 -12.81 -29.23
CA ILE B 48 -16.82 -11.96 -28.32
C ILE B 48 -15.56 -12.74 -27.94
N SER B 49 -14.38 -12.16 -28.06
CA SER B 49 -13.23 -12.79 -27.45
C SER B 49 -12.57 -11.81 -26.49
N VAL B 50 -12.51 -12.17 -25.23
CA VAL B 50 -11.79 -11.34 -24.27
C VAL B 50 -10.49 -12.06 -23.91
N SER B 51 -9.39 -11.31 -23.89
CA SER B 51 -8.13 -11.87 -23.43
C SER B 51 -7.50 -10.82 -22.55
N TYR B 52 -7.72 -10.99 -21.26
CA TYR B 52 -7.19 -10.12 -20.26
C TYR B 52 -5.93 -10.73 -19.66
N ASN B 53 -5.06 -9.84 -19.18
CA ASN B 53 -3.85 -10.24 -18.48
C ASN B 53 -4.01 -9.80 -17.03
N PRO B 54 -4.04 -10.75 -16.07
CA PRO B 54 -4.24 -10.43 -14.65
C PRO B 54 -3.23 -9.43 -14.07
N ALA B 55 -2.05 -9.30 -14.67
CA ALA B 55 -1.05 -8.28 -14.28
C ALA B 55 -1.48 -6.81 -14.52
N THR B 56 -2.54 -6.59 -15.30
CA THR B 56 -3.02 -5.23 -15.58
C THR B 56 -3.96 -4.69 -14.49
N ALA B 57 -4.50 -5.57 -13.65
CA ALA B 57 -5.23 -5.18 -12.44
C ALA B 57 -4.38 -4.20 -11.60
N LYS B 58 -4.98 -3.07 -11.22
CA LYS B 58 -4.19 -2.03 -10.57
C LYS B 58 -4.72 -1.54 -9.24
N GLU B 59 -5.95 -1.03 -9.23
CA GLU B 59 -6.39 -0.26 -8.10
C GLU B 59 -7.89 -0.43 -7.94
N ILE B 60 -8.35 -0.44 -6.69
CA ILE B 60 -9.78 -0.39 -6.36
C ILE B 60 -10.03 0.96 -5.68
N ILE B 61 -11.18 1.59 -5.93
CA ILE B 61 -11.40 2.94 -5.46
C ILE B 61 -12.89 3.21 -5.20
N ASN B 62 -13.17 3.80 -4.05
CA ASN B 62 -14.50 4.27 -3.73
C ASN B 62 -14.67 5.62 -4.42
N VAL B 63 -15.61 5.67 -5.36
CA VAL B 63 -15.96 6.90 -6.12
C VAL B 63 -17.23 7.66 -5.66
N GLY B 64 -17.73 7.29 -4.47
CA GLY B 64 -18.86 7.99 -3.86
C GLY B 64 -20.19 7.37 -4.22
N HIS B 65 -20.47 7.24 -5.51
CA HIS B 65 -21.72 6.62 -5.98
C HIS B 65 -21.54 5.13 -6.24
N SER B 66 -20.30 4.66 -6.24
CA SER B 66 -19.96 3.27 -6.60
C SER B 66 -18.55 2.97 -6.15
N PHE B 67 -18.03 1.80 -6.55
CA PHE B 67 -16.59 1.53 -6.50
C PHE B 67 -16.13 0.96 -7.84
N HIS B 68 -14.89 1.27 -8.21
CA HIS B 68 -14.34 0.87 -9.49
C HIS B 68 -13.10 0.03 -9.19
N VAL B 69 -12.89 -1.00 -10.03
CA VAL B 69 -11.62 -1.72 -10.07
C VAL B 69 -11.01 -1.31 -11.42
N ASN B 70 -9.94 -0.51 -11.35
CA ASN B 70 -9.30 0.04 -12.51
C ASN B 70 -8.05 -0.77 -12.91
N PHE B 71 -7.74 -0.72 -14.21
CA PHE B 71 -6.69 -1.51 -14.85
C PHE B 71 -5.68 -0.59 -15.52
N GLU B 72 -4.43 -1.03 -15.53
CA GLU B 72 -3.39 -0.34 -16.27
C GLU B 72 -3.75 -0.42 -17.75
N ASP B 73 -3.75 0.72 -18.44
CA ASP B 73 -4.24 0.75 -19.80
C ASP B 73 -3.28 1.43 -20.78
N ASN B 74 -1.99 1.35 -20.51
CA ASN B 74 -0.96 1.96 -21.36
C ASN B 74 -0.72 1.20 -22.69
N ASP B 75 -0.99 -0.11 -22.67
CA ASP B 75 -0.82 -0.96 -23.84
C ASP B 75 -2.05 -1.87 -24.12
N ASN B 76 -1.89 -2.82 -25.05
CA ASN B 76 -2.94 -3.77 -25.43
C ASN B 76 -2.76 -5.17 -24.85
N ARG B 77 -2.33 -5.25 -23.60
CA ARG B 77 -2.26 -6.54 -22.90
C ARG B 77 -3.62 -7.17 -22.56
N SER B 78 -4.66 -6.34 -22.37
CA SER B 78 -5.98 -6.80 -21.92
C SER B 78 -7.01 -6.19 -22.83
N VAL B 79 -7.60 -7.04 -23.69
CA VAL B 79 -8.39 -6.58 -24.84
C VAL B 79 -9.71 -7.32 -25.06
N LEU B 80 -10.67 -6.56 -25.56
CA LEU B 80 -11.91 -7.08 -26.13
C LEU B 80 -11.86 -6.96 -27.66
N LYS B 81 -12.21 -8.02 -28.35
CA LYS B 81 -12.42 -7.97 -29.80
C LYS B 81 -13.59 -8.86 -30.22
N GLY B 82 -13.99 -8.74 -31.48
CA GLY B 82 -15.06 -9.58 -32.03
C GLY B 82 -16.40 -8.89 -31.87
N GLY B 83 -17.46 -9.67 -31.79
CA GLY B 83 -18.80 -9.08 -31.77
C GLY B 83 -18.99 -8.15 -32.94
N PRO B 84 -19.42 -6.91 -32.68
CA PRO B 84 -19.64 -5.94 -33.76
C PRO B 84 -18.41 -5.10 -34.13
N PHE B 85 -17.26 -5.40 -33.53
CA PHE B 85 -16.06 -4.55 -33.63
C PHE B 85 -15.02 -5.10 -34.64
N SER B 86 -14.49 -4.21 -35.47
CA SER B 86 -13.30 -4.52 -36.30
C SER B 86 -12.02 -4.26 -35.49
N ASP B 87 -12.11 -3.20 -34.68
CA ASP B 87 -11.07 -2.69 -33.76
CA ASP B 87 -10.98 -2.83 -33.86
C ASP B 87 -11.08 -3.48 -32.47
N SER B 88 -9.92 -3.72 -31.87
CA SER B 88 -9.92 -4.22 -30.51
C SER B 88 -10.09 -3.05 -29.51
N TYR B 89 -10.57 -3.37 -28.32
CA TYR B 89 -10.77 -2.38 -27.26
C TYR B 89 -9.98 -2.74 -26.03
N ARG B 90 -9.49 -1.72 -25.36
CA ARG B 90 -8.58 -1.90 -24.21
C ARG B 90 -9.37 -1.83 -22.92
N LEU B 91 -9.26 -2.89 -22.12
CA LEU B 91 -9.83 -2.98 -20.76
C LEU B 91 -9.31 -1.86 -19.88
N PHE B 92 -10.23 -1.14 -19.24
CA PHE B 92 -9.78 -0.16 -18.21
C PHE B 92 -10.39 -0.31 -16.82
N GLN B 93 -11.57 -0.93 -16.74
CA GLN B 93 -12.36 -0.95 -15.52
C GLN B 93 -13.45 -2.01 -15.52
N PHE B 94 -13.76 -2.50 -14.31
CA PHE B 94 -15.09 -3.06 -14.02
C PHE B 94 -15.67 -2.51 -12.73
N HIS B 95 -17.00 -2.52 -12.64
CA HIS B 95 -17.74 -2.12 -11.44
C HIS B 95 -19.15 -2.79 -11.52
N PHE B 96 -20.00 -2.47 -10.52
CA PHE B 96 -21.27 -3.10 -10.38
C PHE B 96 -22.28 -1.99 -10.21
N HIS B 97 -23.53 -2.33 -10.49
CA HIS B 97 -24.69 -1.52 -10.04
C HIS B 97 -25.58 -2.44 -9.27
N TRP B 98 -26.28 -1.90 -8.27
CA TRP B 98 -27.21 -2.67 -7.48
C TRP B 98 -28.37 -1.78 -7.06
N GLY B 99 -29.36 -2.37 -6.38
CA GLY B 99 -30.56 -1.62 -5.96
C GLY B 99 -30.78 -1.66 -4.44
N SER B 100 -31.75 -0.90 -3.95
CA SER B 100 -32.03 -0.85 -2.50
C SER B 100 -32.49 -2.21 -1.95
N THR B 101 -33.14 -3.00 -2.81
CA THR B 101 -33.52 -4.38 -2.50
C THR B 101 -32.91 -5.35 -3.51
N ASN B 102 -33.07 -6.65 -3.22
CA ASN B 102 -32.70 -7.74 -4.14
C ASN B 102 -33.61 -7.83 -5.37
N GLU B 103 -34.77 -7.19 -5.29
CA GLU B 103 -35.79 -7.27 -6.35
C GLU B 103 -35.45 -6.48 -7.61
N HIS B 104 -34.97 -5.25 -7.47
CA HIS B 104 -34.64 -4.41 -8.61
C HIS B 104 -33.28 -3.76 -8.37
N GLY B 105 -32.27 -4.19 -9.12
CA GLY B 105 -30.93 -3.61 -9.00
C GLY B 105 -30.08 -3.52 -10.25
N SER B 106 -30.46 -4.27 -11.29
CA SER B 106 -29.77 -4.22 -12.57
C SER B 106 -30.12 -2.93 -13.28
N GLU B 107 -29.34 -2.61 -14.30
CA GLU B 107 -29.63 -1.47 -15.13
C GLU B 107 -30.47 -1.91 -16.31
N HIS B 108 -29.91 -2.81 -17.10
CA HIS B 108 -30.62 -3.38 -18.21
C HIS B 108 -31.69 -4.33 -17.67
N THR B 109 -32.77 -4.47 -18.42
CA THR B 109 -33.83 -5.39 -18.05
C THR B 109 -34.11 -6.19 -19.32
N VAL B 110 -34.63 -7.41 -19.17
CA VAL B 110 -34.89 -8.29 -20.32
C VAL B 110 -36.37 -8.64 -20.29
N ASP B 111 -37.09 -8.31 -21.37
CA ASP B 111 -38.57 -8.39 -21.38
C ASP B 111 -39.20 -7.85 -20.09
N GLY B 112 -38.71 -6.71 -19.63
CA GLY B 112 -39.23 -6.08 -18.40
C GLY B 112 -38.81 -6.71 -17.08
N VAL B 113 -38.00 -7.77 -17.11
CA VAL B 113 -37.53 -8.40 -15.87
C VAL B 113 -36.29 -7.65 -15.37
N LYS B 114 -36.37 -7.12 -14.16
CA LYS B 114 -35.27 -6.45 -13.48
C LYS B 114 -34.50 -7.50 -12.72
N TYR B 115 -33.17 -7.51 -12.87
CA TYR B 115 -32.33 -8.43 -12.11
C TYR B 115 -31.84 -7.80 -10.80
N SER B 116 -31.07 -8.54 -10.02
CA SER B 116 -30.65 -8.05 -8.70
C SER B 116 -29.51 -7.02 -8.77
N ALA B 117 -28.65 -7.16 -9.78
CA ALA B 117 -27.45 -6.37 -9.88
C ALA B 117 -26.95 -6.50 -11.31
N GLU B 118 -25.92 -5.72 -11.65
CA GLU B 118 -25.28 -5.82 -12.95
C GLU B 118 -23.80 -5.57 -12.83
N LEU B 119 -23.04 -6.42 -13.53
CA LEU B 119 -21.60 -6.21 -13.72
CA LEU B 119 -21.60 -6.24 -13.73
C LEU B 119 -21.38 -5.47 -15.04
N HIS B 120 -20.55 -4.43 -15.01
CA HIS B 120 -20.04 -3.71 -16.22
C HIS B 120 -18.53 -3.85 -16.35
N VAL B 121 -18.08 -4.38 -17.48
CA VAL B 121 -16.66 -4.48 -17.81
C VAL B 121 -16.40 -3.54 -19.00
N ALA B 122 -15.67 -2.45 -18.73
CA ALA B 122 -15.49 -1.31 -19.66
C ALA B 122 -14.14 -1.31 -20.38
N HIS B 123 -14.15 -0.87 -21.64
CA HIS B 123 -13.00 -0.92 -22.56
C HIS B 123 -13.06 0.33 -23.39
N TRP B 124 -11.90 0.81 -23.85
CA TRP B 124 -11.89 1.98 -24.75
C TRP B 124 -11.16 1.71 -26.08
N ASN B 125 -11.56 2.43 -27.13
CA ASN B 125 -11.06 2.14 -28.50
C ASN B 125 -9.61 2.61 -28.70
N SER B 126 -8.66 1.70 -28.58
CA SER B 126 -7.24 2.05 -28.68
C SER B 126 -6.63 1.85 -30.07
N ALA B 127 -7.49 1.71 -31.08
CA ALA B 127 -7.02 1.70 -32.47
C ALA B 127 -7.23 3.08 -33.06
N LYS B 128 -8.47 3.57 -32.98
CA LYS B 128 -8.83 4.89 -33.43
C LYS B 128 -8.21 5.98 -32.57
N TYR B 129 -8.08 5.72 -31.27
CA TYR B 129 -7.68 6.74 -30.30
C TYR B 129 -6.48 6.34 -29.43
N SER B 130 -6.02 7.32 -28.65
CA SER B 130 -4.75 7.25 -27.92
C SER B 130 -4.92 7.21 -26.40
N SER B 131 -6.04 7.76 -25.91
CA SER B 131 -6.35 7.79 -24.48
C SER B 131 -7.84 7.55 -24.16
N LEU B 132 -8.10 7.10 -22.93
CA LEU B 132 -9.45 7.01 -22.38
C LEU B 132 -10.16 8.36 -22.49
N ALA B 133 -9.47 9.45 -22.13
CA ALA B 133 -10.04 10.81 -22.20
C ALA B 133 -10.53 11.18 -23.61
N GLU B 134 -9.75 10.79 -24.63
CA GLU B 134 -10.08 11.03 -26.04
C GLU B 134 -11.21 10.12 -26.53
N ALA B 135 -11.14 8.84 -26.16
CA ALA B 135 -12.14 7.84 -26.56
C ALA B 135 -13.53 8.09 -25.96
N ALA B 136 -13.57 8.61 -24.74
CA ALA B 136 -14.79 8.59 -23.92
C ALA B 136 -16.03 9.32 -24.45
N SER B 137 -15.85 10.26 -25.38
CA SER B 137 -17.02 10.95 -25.94
C SER B 137 -17.24 10.72 -27.44
N LYS B 138 -16.45 9.82 -28.03
CA LYS B 138 -16.61 9.39 -29.42
C LYS B 138 -17.62 8.25 -29.52
N ALA B 139 -18.58 8.37 -30.44
CA ALA B 139 -19.64 7.34 -30.63
C ALA B 139 -19.14 5.90 -30.64
N ASP B 140 -17.95 5.71 -31.22
CA ASP B 140 -17.25 4.42 -31.27
C ASP B 140 -16.13 4.28 -30.22
N GLY B 141 -16.21 5.10 -29.18
CA GLY B 141 -15.12 5.21 -28.20
C GLY B 141 -15.04 4.14 -27.12
N LEU B 142 -16.21 3.73 -26.60
CA LEU B 142 -16.26 2.78 -25.48
C LEU B 142 -17.02 1.49 -25.81
N ALA B 143 -16.56 0.40 -25.20
CA ALA B 143 -17.27 -0.89 -25.22
C ALA B 143 -17.39 -1.50 -23.82
N VAL B 144 -18.65 -1.67 -23.40
CA VAL B 144 -19.01 -2.22 -22.09
C VAL B 144 -19.80 -3.53 -22.20
N ILE B 145 -19.24 -4.58 -21.60
CA ILE B 145 -19.94 -5.84 -21.40
C ILE B 145 -20.78 -5.73 -20.13
N GLY B 146 -22.08 -5.95 -20.27
CA GLY B 146 -22.96 -6.01 -19.11
C GLY B 146 -23.42 -7.44 -18.87
N VAL B 147 -23.33 -7.87 -17.61
CA VAL B 147 -23.73 -9.20 -17.18
C VAL B 147 -24.76 -9.00 -16.08
N LEU B 148 -25.96 -9.53 -16.31
CA LEU B 148 -27.04 -9.51 -15.32
C LEU B 148 -26.73 -10.45 -14.15
N MET B 149 -27.04 -9.98 -12.93
CA MET B 149 -26.78 -10.74 -11.70
C MET B 149 -28.07 -11.09 -10.99
N LYS B 150 -28.25 -12.40 -10.80
CA LYS B 150 -29.44 -12.98 -10.24
C LYS B 150 -29.21 -13.48 -8.80
N VAL B 151 -29.93 -12.92 -7.84
CA VAL B 151 -29.86 -13.36 -6.43
C VAL B 151 -30.16 -14.88 -6.27
N GLY B 152 -29.26 -15.58 -5.58
CA GLY B 152 -29.36 -17.03 -5.39
C GLY B 152 -28.18 -17.46 -4.55
N GLU B 153 -27.39 -18.38 -5.07
CA GLU B 153 -26.15 -18.85 -4.45
C GLU B 153 -25.07 -17.78 -4.38
N ALA B 154 -24.24 -17.84 -3.34
CA ALA B 154 -23.04 -17.01 -3.27
C ALA B 154 -22.18 -17.27 -4.48
N ASN B 155 -21.64 -16.20 -5.05
CA ASN B 155 -20.75 -16.32 -6.17
C ASN B 155 -19.31 -16.23 -5.64
N PRO B 156 -18.58 -17.37 -5.60
CA PRO B 156 -17.18 -17.33 -5.14
C PRO B 156 -16.24 -16.48 -5.97
N LYS B 157 -16.54 -16.29 -7.26
CA LYS B 157 -15.65 -15.47 -8.10
C LYS B 157 -15.59 -14.01 -7.66
N LEU B 158 -16.61 -13.60 -6.90
CA LEU B 158 -16.69 -12.25 -6.33
C LEU B 158 -15.82 -12.01 -5.09
N GLN B 159 -15.25 -13.09 -4.55
CA GLN B 159 -14.49 -13.11 -3.28
C GLN B 159 -13.40 -12.05 -3.13
N LYS B 160 -12.43 -12.03 -4.04
CA LYS B 160 -11.34 -11.08 -3.99
C LYS B 160 -11.91 -9.65 -4.04
N VAL B 161 -12.97 -9.42 -4.82
CA VAL B 161 -13.56 -8.08 -4.92
C VAL B 161 -14.19 -7.63 -3.59
N LEU B 162 -15.00 -8.50 -2.98
CA LEU B 162 -15.70 -8.15 -1.73
C LEU B 162 -14.74 -8.01 -0.54
N ASP B 163 -13.69 -8.84 -0.51
CA ASP B 163 -12.63 -8.75 0.49
C ASP B 163 -11.80 -7.46 0.45
N ALA B 164 -11.82 -6.75 -0.69
CA ALA B 164 -11.00 -5.55 -0.86
C ALA B 164 -11.75 -4.33 -0.39
N LEU B 165 -13.06 -4.47 -0.23
CA LEU B 165 -13.94 -3.35 0.11
C LEU B 165 -13.69 -2.72 1.48
N GLN B 166 -13.18 -3.52 2.42
CA GLN B 166 -12.94 -3.02 3.77
C GLN B 166 -11.87 -1.94 3.76
N ALA B 167 -11.00 -1.96 2.75
CA ALA B 167 -9.91 -0.98 2.60
C ALA B 167 -10.31 0.32 1.91
N ILE B 168 -11.54 0.37 1.38
CA ILE B 168 -12.00 1.54 0.59
C ILE B 168 -13.40 1.97 1.03
N LYS B 169 -13.55 2.03 2.33
CA LYS B 169 -14.86 2.13 2.94
C LYS B 169 -15.61 3.44 2.63
N THR B 170 -14.84 4.54 2.53
CA THR B 170 -15.43 5.91 2.31
C THR B 170 -14.96 6.56 0.99
N LYS B 171 -15.72 7.56 0.53
CA LYS B 171 -15.42 8.25 -0.72
C LYS B 171 -14.00 8.72 -0.81
N GLY B 172 -13.36 8.39 -1.93
CA GLY B 172 -12.03 8.87 -2.19
C GLY B 172 -10.94 7.89 -1.79
N LYS B 173 -11.26 6.90 -0.96
CA LYS B 173 -10.27 5.87 -0.56
C LYS B 173 -9.98 4.94 -1.73
N ARG B 174 -8.75 4.44 -1.77
CA ARG B 174 -8.30 3.59 -2.84
C ARG B 174 -7.23 2.64 -2.27
N ALA B 175 -7.10 1.47 -2.89
CA ALA B 175 -6.09 0.50 -2.50
C ALA B 175 -5.57 -0.23 -3.73
N PRO B 176 -4.32 -0.73 -3.66
CA PRO B 176 -3.85 -1.63 -4.71
C PRO B 176 -4.81 -2.81 -4.85
N PHE B 177 -5.03 -3.24 -6.08
CA PHE B 177 -5.83 -4.42 -6.36
C PHE B 177 -5.16 -5.06 -7.54
N THR B 178 -4.48 -6.19 -7.33
CA THR B 178 -3.59 -6.72 -8.36
C THR B 178 -3.84 -8.19 -8.67
N ASN B 179 -3.30 -8.63 -9.79
CA ASN B 179 -3.36 -10.03 -10.22
C ASN B 179 -4.80 -10.57 -10.25
N PHE B 180 -5.64 -9.94 -11.08
CA PHE B 180 -7.04 -10.34 -11.26
C PHE B 180 -7.45 -10.27 -12.73
N ASP B 181 -8.04 -11.36 -13.22
CA ASP B 181 -8.55 -11.44 -14.59
C ASP B 181 -10.08 -11.35 -14.46
N PRO B 182 -10.67 -10.22 -14.86
CA PRO B 182 -12.13 -10.09 -14.65
C PRO B 182 -13.01 -10.94 -15.60
N SER B 183 -12.43 -11.51 -16.66
CA SER B 183 -13.16 -12.54 -17.46
C SER B 183 -13.61 -13.75 -16.62
N THR B 184 -12.98 -13.98 -15.46
CA THR B 184 -13.46 -15.00 -14.51
C THR B 184 -14.88 -14.71 -13.96
N LEU B 185 -15.34 -13.46 -14.10
CA LEU B 185 -16.68 -13.08 -13.65
C LEU B 185 -17.74 -13.25 -14.72
N LEU B 186 -17.30 -13.52 -15.96
CA LEU B 186 -18.26 -13.72 -17.07
C LEU B 186 -19.00 -15.04 -17.02
N PRO B 187 -20.21 -15.10 -17.63
CA PRO B 187 -20.88 -16.39 -17.72
C PRO B 187 -20.14 -17.32 -18.72
N SER B 188 -20.40 -18.63 -18.66
CA SER B 188 -19.76 -19.62 -19.56
C SER B 188 -19.99 -19.34 -21.04
N SER B 189 -21.25 -19.03 -21.38
CA SER B 189 -21.63 -18.69 -22.73
C SER B 189 -21.64 -17.17 -22.87
N LEU B 190 -21.15 -16.72 -24.01
CA LEU B 190 -21.02 -15.32 -24.32
C LEU B 190 -21.97 -14.89 -25.43
N ASP B 191 -23.09 -15.61 -25.60
CA ASP B 191 -24.14 -15.17 -26.53
C ASP B 191 -24.53 -13.78 -26.00
N PHE B 192 -24.81 -12.84 -26.90
CA PHE B 192 -25.03 -11.48 -26.48
C PHE B 192 -26.02 -10.74 -27.33
N TRP B 193 -26.58 -9.70 -26.73
CA TRP B 193 -27.29 -8.64 -27.43
C TRP B 193 -26.34 -7.43 -27.54
N THR B 194 -26.47 -6.70 -28.64
CA THR B 194 -25.76 -5.45 -28.77
C THR B 194 -26.57 -4.28 -29.32
N TYR B 195 -26.27 -3.08 -28.82
CA TYR B 195 -26.99 -1.84 -29.23
C TYR B 195 -26.13 -0.60 -28.98
N PRO B 196 -26.41 0.52 -29.69
CA PRO B 196 -25.61 1.71 -29.45
C PRO B 196 -26.17 2.53 -28.30
N GLY B 197 -25.31 2.86 -27.34
CA GLY B 197 -25.81 3.47 -26.13
C GLY B 197 -24.92 4.48 -25.46
N SER B 198 -25.15 4.66 -24.17
CA SER B 198 -24.50 5.70 -23.40
C SER B 198 -23.90 5.20 -22.09
N LEU B 199 -23.03 6.01 -21.49
CA LEU B 199 -22.70 5.88 -20.07
C LEU B 199 -24.03 5.98 -19.33
N THR B 200 -24.22 5.14 -18.31
CA THR B 200 -25.50 5.11 -17.59
C THR B 200 -25.56 6.08 -16.42
N HIS B 201 -24.50 6.84 -16.21
CA HIS B 201 -24.55 7.93 -15.24
C HIS B 201 -23.76 9.14 -15.80
N PRO B 202 -23.95 10.36 -15.23
CA PRO B 202 -23.25 11.54 -15.73
C PRO B 202 -21.73 11.33 -15.87
N PRO B 203 -21.12 11.80 -16.99
CA PRO B 203 -21.59 12.74 -18.02
C PRO B 203 -22.56 12.19 -19.07
N LEU B 204 -22.92 10.90 -19.01
CA LEU B 204 -23.93 10.29 -19.90
C LEU B 204 -23.59 10.30 -21.38
N TYR B 205 -22.29 10.36 -21.68
CA TYR B 205 -21.79 10.35 -23.05
C TYR B 205 -22.44 9.26 -23.86
N GLU B 206 -22.81 9.58 -25.10
CA GLU B 206 -23.38 8.59 -26.03
C GLU B 206 -22.27 7.91 -26.82
N SER B 207 -21.42 7.22 -26.08
CA SER B 207 -20.16 6.74 -26.65
C SER B 207 -19.93 5.25 -26.49
N VAL B 208 -20.98 4.55 -26.05
CA VAL B 208 -20.84 3.15 -25.63
C VAL B 208 -21.53 2.19 -26.58
N THR B 209 -20.76 1.24 -27.09
CA THR B 209 -21.35 0.06 -27.69
C THR B 209 -21.60 -0.98 -26.59
N TRP B 210 -22.89 -1.20 -26.30
CA TRP B 210 -23.26 -2.19 -25.28
C TRP B 210 -23.22 -3.63 -25.75
N ILE B 211 -22.60 -4.49 -24.93
CA ILE B 211 -22.63 -5.93 -25.11
C ILE B 211 -23.29 -6.56 -23.87
N ILE B 212 -24.58 -6.94 -23.99
CA ILE B 212 -25.30 -7.56 -22.88
C ILE B 212 -25.29 -9.10 -23.02
N CYS B 213 -24.67 -9.81 -22.08
CA CYS B 213 -24.71 -11.27 -22.08
C CYS B 213 -26.13 -11.78 -21.87
N LYS B 214 -26.48 -12.80 -22.66
CA LYS B 214 -27.75 -13.51 -22.55
C LYS B 214 -27.81 -14.29 -21.22
N GLU B 215 -26.69 -14.90 -20.82
CA GLU B 215 -26.63 -15.68 -19.58
C GLU B 215 -26.31 -14.76 -18.38
N SER B 216 -26.97 -15.02 -17.25
CA SER B 216 -26.76 -14.27 -16.04
C SER B 216 -25.76 -14.99 -15.13
N ILE B 217 -25.28 -14.28 -14.10
CA ILE B 217 -24.43 -14.88 -13.06
C ILE B 217 -25.14 -14.75 -11.72
N SER B 218 -24.68 -15.56 -10.75
CA SER B 218 -25.25 -15.54 -9.40
CA SER B 218 -25.24 -15.54 -9.40
C SER B 218 -24.61 -14.48 -8.47
N VAL B 219 -25.37 -14.14 -7.41
CA VAL B 219 -24.89 -13.32 -6.29
C VAL B 219 -25.81 -13.65 -5.10
N SER B 220 -25.26 -13.71 -3.88
CA SER B 220 -26.11 -13.99 -2.71
C SER B 220 -26.63 -12.71 -2.09
N SER B 221 -27.62 -12.84 -1.21
CA SER B 221 -28.20 -11.69 -0.50
CA SER B 221 -28.19 -11.68 -0.49
C SER B 221 -27.14 -10.94 0.33
N GLU B 222 -26.17 -11.69 0.85
CA GLU B 222 -25.15 -11.12 1.73
C GLU B 222 -24.06 -10.45 0.94
N GLN B 223 -23.76 -10.99 -0.24
CA GLN B 223 -22.84 -10.33 -1.13
C GLN B 223 -23.36 -8.99 -1.58
N LEU B 224 -24.66 -8.92 -1.87
CA LEU B 224 -25.31 -7.64 -2.19
C LEU B 224 -25.28 -6.65 -1.03
N ALA B 225 -25.47 -7.16 0.19
CA ALA B 225 -25.36 -6.36 1.37
C ALA B 225 -23.95 -5.79 1.57
N GLN B 226 -22.89 -6.55 1.22
CA GLN B 226 -21.55 -6.01 1.23
C GLN B 226 -21.40 -4.77 0.31
N PHE B 227 -21.98 -4.81 -0.90
CA PHE B 227 -22.00 -3.66 -1.81
C PHE B 227 -22.62 -2.49 -1.11
N ARG B 228 -23.80 -2.72 -0.52
CA ARG B 228 -24.56 -1.67 0.16
C ARG B 228 -23.92 -1.13 1.45
N SER B 229 -22.93 -1.84 2.01
CA SER B 229 -22.24 -1.36 3.21
CA SER B 229 -22.17 -1.42 3.20
C SER B 229 -21.13 -0.34 2.89
N LEU B 230 -20.78 -0.19 1.61
CA LEU B 230 -19.81 0.82 1.21
C LEU B 230 -20.39 2.20 1.46
N LEU B 231 -19.54 3.15 1.86
CA LEU B 231 -20.03 4.48 2.20
C LEU B 231 -19.73 5.50 1.11
N SER B 232 -20.72 6.36 0.84
CA SER B 232 -20.62 7.45 -0.13
C SER B 232 -19.96 8.73 0.43
N ASN B 233 -19.89 8.83 1.74
CA ASN B 233 -19.34 9.99 2.46
C ASN B 233 -17.84 9.88 2.57
N VAL B 234 -17.19 11.03 2.74
CA VAL B 234 -15.75 11.05 3.05
C VAL B 234 -15.58 10.66 4.53
N GLU B 235 -14.41 10.11 4.85
CA GLU B 235 -14.00 9.68 6.17
C GLU B 235 -14.22 10.76 7.23
N GLY B 236 -14.77 10.35 8.37
CA GLY B 236 -15.02 11.25 9.50
C GLY B 236 -16.41 11.85 9.51
N ASP B 237 -17.06 11.87 8.34
CA ASP B 237 -18.46 12.31 8.22
C ASP B 237 -19.39 11.18 8.62
N ASN B 238 -20.67 11.50 8.82
CA ASN B 238 -21.67 10.50 9.25
C ASN B 238 -21.85 9.50 8.12
N ALA B 239 -21.89 8.22 8.48
CA ALA B 239 -21.98 7.14 7.49
C ALA B 239 -23.28 7.22 6.70
N VAL B 240 -23.14 7.28 5.37
CA VAL B 240 -24.26 7.16 4.42
C VAL B 240 -23.95 5.94 3.54
N PRO B 241 -24.61 4.79 3.81
CA PRO B 241 -24.40 3.60 2.98
C PRO B 241 -24.84 3.81 1.52
N MET B 242 -24.07 3.20 0.62
CA MET B 242 -24.32 3.22 -0.82
C MET B 242 -25.50 2.30 -1.16
N GLN B 243 -26.72 2.81 -1.04
CA GLN B 243 -27.91 1.99 -1.06
C GLN B 243 -28.31 1.42 -2.44
N HIS B 244 -28.15 2.23 -3.49
CA HIS B 244 -28.51 1.85 -4.86
C HIS B 244 -27.81 2.78 -5.84
N ASN B 245 -27.57 2.30 -7.07
CA ASN B 245 -26.91 3.12 -8.08
C ASN B 245 -27.27 2.71 -9.52
N ASN B 246 -28.53 2.31 -9.70
CA ASN B 246 -29.00 1.90 -11.02
CA ASN B 246 -29.03 1.87 -11.00
C ASN B 246 -29.95 2.91 -11.63
N ARG B 247 -29.69 3.24 -12.89
CA ARG B 247 -30.53 4.16 -13.65
C ARG B 247 -31.76 3.41 -14.22
N PRO B 248 -32.97 4.06 -14.22
CA PRO B 248 -34.08 3.51 -15.00
C PRO B 248 -33.74 3.27 -16.46
N THR B 249 -34.38 2.28 -17.07
CA THR B 249 -34.28 2.06 -18.53
C THR B 249 -34.82 3.27 -19.28
N GLN B 250 -34.24 3.51 -20.44
CA GLN B 250 -34.51 4.69 -21.24
C GLN B 250 -35.13 4.27 -22.57
N PRO B 251 -35.92 5.15 -23.22
CA PRO B 251 -36.54 4.79 -24.51
C PRO B 251 -35.53 4.51 -25.62
N LEU B 252 -35.79 3.48 -26.43
CA LEU B 252 -34.88 3.08 -27.52
C LEU B 252 -34.81 4.11 -28.65
N LYS B 253 -35.89 4.90 -28.80
CA LYS B 253 -35.99 5.99 -29.78
C LYS B 253 -35.57 5.51 -31.17
N GLY B 254 -36.11 4.36 -31.54
CA GLY B 254 -35.90 3.81 -32.87
C GLY B 254 -34.70 2.89 -33.01
N ARG B 255 -33.83 2.84 -32.00
CA ARG B 255 -32.67 1.94 -32.05
C ARG B 255 -33.10 0.47 -32.17
N THR B 256 -32.23 -0.32 -32.80
CA THR B 256 -32.39 -1.75 -32.95
C THR B 256 -31.45 -2.44 -31.93
N VAL B 257 -31.98 -3.39 -31.17
CA VAL B 257 -31.12 -4.27 -30.36
C VAL B 257 -30.85 -5.50 -31.22
N ARG B 258 -29.58 -5.74 -31.50
CA ARG B 258 -29.18 -6.90 -32.31
C ARG B 258 -28.77 -8.07 -31.44
N ALA B 259 -29.00 -9.29 -31.93
CA ALA B 259 -28.67 -10.52 -31.21
C ALA B 259 -27.63 -11.37 -31.93
N SER B 260 -26.68 -11.89 -31.17
CA SER B 260 -25.64 -12.74 -31.75
C SER B 260 -26.06 -14.19 -32.02
N PHE B 261 -27.24 -14.56 -31.53
CA PHE B 261 -27.71 -15.93 -31.40
C PHE B 261 -29.18 -15.99 -31.80
ZN ZN C . 20.39 4.39 16.61
C1 GOL D . 28.84 9.59 16.14
O1 GOL D . 27.68 9.28 16.91
C2 GOL D . 29.90 9.98 17.13
O2 GOL D . 31.18 9.63 16.60
C3 GOL D . 29.76 11.48 17.35
O3 GOL D . 28.43 11.87 17.73
C2 EON E . 26.12 11.72 13.70
C3 EON E . 25.51 11.80 14.96
C4 EON E . 25.55 13.00 15.66
C5 EON E . 26.20 14.11 15.11
C6 EON E . 26.76 14.02 13.85
C7 EON E . 26.73 12.84 13.13
C9 EON E . 24.91 10.09 16.69
N10 EON E . 24.48 8.79 16.72
C14 EON E . 22.67 6.61 14.35
C15 EON E . 23.71 6.15 13.55
C16 EON E . 24.99 6.61 13.77
C17 EON E . 25.25 7.52 14.79
O20 EON E . 21.24 4.60 13.67
C1 EON E . 26.52 10.35 11.77
O1 EON E . 26.10 10.47 13.13
N8 EON E . 24.86 10.64 15.43
O11 EON E . 25.32 10.69 17.68
C12 EON E . 24.20 7.97 15.61
C13 EON E . 22.90 7.51 15.37
O18 EON E . 26.53 7.73 15.22
S19 EON E . 21.06 5.95 14.09
O21 EON E . 20.33 6.85 13.23
N22 EON E . 20.25 5.93 15.50
ZN ZN F . -21.92 0.83 -15.00
C1 GOL G . -12.62 6.24 -12.49
O1 GOL G . -12.45 5.18 -11.51
C2 GOL G . -12.28 5.80 -13.91
O2 GOL G . -10.93 6.08 -14.23
C3 GOL G . -13.23 6.47 -14.91
O3 GOL G . -14.54 5.92 -14.67
C2 EON H . -16.23 8.49 -17.54
C3 EON H . -16.92 8.32 -16.30
C4 EON H . -17.15 9.44 -15.50
C5 EON H . -16.68 10.68 -15.88
C6 EON H . -15.99 10.83 -17.08
C7 EON H . -15.77 9.74 -17.92
C9 EON H . -17.42 6.48 -14.67
N10 EON H . -17.90 5.19 -14.69
C14 EON H . -19.60 3.07 -17.18
C15 EON H . -18.53 2.63 -17.94
C16 EON H . -17.25 3.05 -17.65
C17 EON H . -17.03 3.92 -16.59
O20 EON H . -21.92 3.34 -18.31
C1 EON H . -14.90 6.96 -18.80
O1 EON H . -16.18 7.37 -18.32
N8 EON H . -17.27 7.00 -15.93
O11 EON H . -17.16 7.07 -13.62
C12 EON H . -18.12 4.38 -15.83
C13 EON H . -19.42 3.96 -16.13
O18 EON H . -15.79 4.39 -16.31
S19 EON H . -21.20 2.42 -17.48
O21 EON H . -21.00 1.07 -17.95
N22 EON H . -21.99 2.33 -16.08
#